data_4NX5
#
_entry.id   4NX5
#
_cell.length_a   59.737
_cell.length_b   64.148
_cell.length_c   61.527
_cell.angle_alpha   90.00
_cell.angle_beta   115.36
_cell.angle_gamma   90.00
#
_symmetry.space_group_name_H-M   'P 1 21 1'
#
loop_
_entity.id
_entity.type
_entity.pdbx_description
1 polymer "Orotidine 5'-phosphate decarboxylase"
2 non-polymer "6-AZA URIDINE 5'-MONOPHOSPHATE"
3 non-polymer 'CHLORIDE ION'
4 non-polymer 1,2-ETHANEDIOL
5 non-polymer GLYCEROL
6 non-polymer 'MAGNESIUM ION'
7 water water
#
_entity_poly.entity_id   1
_entity_poly.type   'polypeptide(L)'
_entity_poly.pdbx_seq_one_letter_code
;MRSRRVDVMDVMNRLILAMDLMNRDDALRVTGEVREYIDTVKIGYPLVLSEGMDIIAEFRKRFGCRIIADFKVADIPETN
EKICRATFKAGADAIIVHGFPGADSVRACLNVAEEMGREVFLLTEMSHPGAEMFIQGAADEIARMGVDLGVKNYVGPSTR
PERLSRLREIIGQDSFLISPGVGAQGGDPGETLRFADAIIVGRSIYLADNPAAAAAGIIESIKDLLNP
;
_entity_poly.pdbx_strand_id   A,B
#
loop_
_chem_comp.id
_chem_comp.type
_chem_comp.name
_chem_comp.formula
CL non-polymer 'CHLORIDE ION' 'Cl -1'
EDO non-polymer 1,2-ETHANEDIOL 'C2 H6 O2'
GOL non-polymer GLYCEROL 'C3 H8 O3'
MG non-polymer 'MAGNESIUM ION' 'Mg 2'
UP6 non-polymer '6-AZA URIDINE 5'-MONOPHOSPHATE' 'C8 H12 N3 O9 P'
#
# COMPACT_ATOMS: atom_id res chain seq x y z
N ASP A 7 -15.54 20.81 -12.44
CA ASP A 7 -14.24 20.30 -12.88
C ASP A 7 -13.84 19.09 -12.03
N VAL A 8 -14.82 18.41 -11.46
CA VAL A 8 -14.56 17.23 -10.65
C VAL A 8 -15.40 16.07 -11.17
N MET A 9 -15.04 14.84 -10.82
CA MET A 9 -15.86 13.70 -11.20
C MET A 9 -17.27 13.87 -10.63
N ASP A 10 -18.28 13.47 -11.41
CA ASP A 10 -19.67 13.63 -11.03
C ASP A 10 -20.19 12.33 -10.43
N VAL A 11 -20.07 12.22 -9.11
CA VAL A 11 -20.41 11.00 -8.38
C VAL A 11 -21.90 10.93 -8.13
N MET A 12 -22.56 9.95 -8.72
CA MET A 12 -24.00 9.82 -8.58
C MET A 12 -24.37 9.61 -7.11
N ASN A 13 -25.34 10.41 -6.65
CA ASN A 13 -25.87 10.30 -5.29
C ASN A 13 -24.85 10.53 -4.19
N ARG A 14 -23.71 11.11 -4.55
CA ARG A 14 -22.64 11.40 -3.60
C ARG A 14 -22.19 10.16 -2.83
N LEU A 15 -22.32 9.00 -3.46
CA LEU A 15 -22.11 7.72 -2.78
C LEU A 15 -21.17 6.82 -3.59
N ILE A 16 -20.05 6.45 -2.99
CA ILE A 16 -19.08 5.56 -3.63
C ILE A 16 -19.06 4.21 -2.93
N LEU A 17 -19.27 3.13 -3.69
CA LEU A 17 -19.23 1.80 -3.11
C LEU A 17 -17.81 1.31 -2.90
N ALA A 18 -17.47 0.93 -1.67
CA ALA A 18 -16.18 0.30 -1.41
C ALA A 18 -16.37 -1.21 -1.58
N MET A 19 -15.99 -1.72 -2.75
CA MET A 19 -16.22 -3.13 -3.04
C MET A 19 -15.05 -4.00 -2.59
N ASP A 20 -15.12 -4.40 -1.32
CA ASP A 20 -14.05 -5.19 -0.69
C ASP A 20 -14.41 -6.65 -0.46
N LEU A 21 -15.45 -7.15 -1.14
CA LEU A 21 -15.66 -8.59 -1.19
C LEU A 21 -14.51 -9.21 -1.99
N MET A 22 -14.14 -10.44 -1.65
CA MET A 22 -12.92 -11.03 -2.21
C MET A 22 -13.22 -12.13 -3.21
N ASN A 23 -14.50 -12.41 -3.38
CA ASN A 23 -14.97 -13.38 -4.34
C ASN A 23 -15.54 -12.64 -5.56
N ARG A 24 -15.09 -13.01 -6.75
CA ARG A 24 -15.52 -12.35 -7.98
C ARG A 24 -17.04 -12.41 -8.17
N ASP A 25 -17.62 -13.60 -8.00
CA ASP A 25 -19.06 -13.79 -8.19
C ASP A 25 -19.86 -12.89 -7.24
N ASP A 26 -19.46 -12.87 -5.96
CA ASP A 26 -20.17 -12.04 -4.98
C ASP A 26 -19.98 -10.56 -5.28
N ALA A 27 -18.74 -10.15 -5.59
CA ALA A 27 -18.46 -8.75 -5.85
C ALA A 27 -19.25 -8.25 -7.05
N LEU A 28 -19.31 -9.06 -8.10
CA LEU A 28 -20.10 -8.73 -9.28
C LEU A 28 -21.59 -8.66 -8.96
N ARG A 29 -22.09 -9.63 -8.19
CA ARG A 29 -23.52 -9.65 -7.88
C ARG A 29 -23.93 -8.40 -7.13
N VAL A 30 -23.19 -8.10 -6.06
CA VAL A 30 -23.54 -6.98 -5.21
C VAL A 30 -23.42 -5.65 -5.96
N THR A 31 -22.34 -5.50 -6.72
CA THR A 31 -22.17 -4.25 -7.46
C THR A 31 -23.32 -4.07 -8.46
N GLY A 32 -23.68 -5.14 -9.16
CA GLY A 32 -24.80 -5.10 -10.10
C GLY A 32 -26.10 -4.70 -9.43
N GLU A 33 -26.31 -5.19 -8.21
CA GLU A 33 -27.53 -4.92 -7.47
C GLU A 33 -27.69 -3.47 -7.05
N VAL A 34 -26.58 -2.77 -6.89
CA VAL A 34 -26.65 -1.37 -6.46
C VAL A 34 -26.33 -0.40 -7.59
N ARG A 35 -26.21 -0.92 -8.81
CA ARG A 35 -25.79 -0.12 -9.96
C ARG A 35 -26.70 1.06 -10.27
N GLU A 36 -27.99 0.96 -9.96
CA GLU A 36 -28.91 2.05 -10.25
C GLU A 36 -28.70 3.23 -9.30
N TYR A 37 -27.94 3.01 -8.22
CA TYR A 37 -27.74 4.04 -7.21
C TYR A 37 -26.34 4.65 -7.24
N ILE A 38 -25.39 3.95 -7.87
CA ILE A 38 -23.98 4.29 -7.72
C ILE A 38 -23.26 4.14 -9.07
N ASP A 39 -22.54 5.19 -9.49
CA ASP A 39 -21.78 5.12 -10.74
C ASP A 39 -20.29 5.19 -10.52
N THR A 40 -19.89 5.04 -9.26
CA THR A 40 -18.49 5.17 -8.88
C THR A 40 -18.17 4.09 -7.87
N VAL A 41 -17.20 3.24 -8.21
CA VAL A 41 -16.86 2.10 -7.37
C VAL A 41 -15.38 2.18 -7.00
N LYS A 42 -15.12 2.01 -5.72
CA LYS A 42 -13.75 1.97 -5.20
C LYS A 42 -13.34 0.50 -5.09
N ILE A 43 -12.30 0.10 -5.82
CA ILE A 43 -11.80 -1.27 -5.79
C ILE A 43 -10.45 -1.25 -5.11
N GLY A 44 -10.26 -2.12 -4.13
CA GLY A 44 -9.00 -2.15 -3.40
C GLY A 44 -8.25 -3.44 -3.56
N TYR A 45 -7.23 -3.63 -2.74
CA TYR A 45 -6.42 -4.83 -2.80
C TYR A 45 -7.13 -6.11 -2.35
N PRO A 46 -8.12 -6.03 -1.42
CA PRO A 46 -8.79 -7.30 -1.12
C PRO A 46 -9.36 -7.98 -2.36
N LEU A 47 -10.00 -7.21 -3.25
CA LEU A 47 -10.54 -7.80 -4.46
C LEU A 47 -9.47 -8.04 -5.53
N VAL A 48 -8.58 -7.06 -5.72
CA VAL A 48 -7.56 -7.16 -6.77
C VAL A 48 -6.56 -8.30 -6.52
N LEU A 49 -6.16 -8.49 -5.27
CA LEU A 49 -5.21 -9.55 -4.96
C LEU A 49 -5.86 -10.93 -4.98
N SER A 50 -7.19 -10.94 -4.88
CA SER A 50 -7.93 -12.20 -4.94
C SER A 50 -8.31 -12.59 -6.37
N GLU A 51 -8.54 -11.60 -7.23
CA GLU A 51 -9.11 -11.87 -8.55
C GLU A 51 -8.34 -11.31 -9.74
N GLY A 52 -7.34 -10.49 -9.50
CA GLY A 52 -6.51 -9.97 -10.57
C GLY A 52 -6.93 -8.58 -11.00
N MET A 53 -6.00 -7.86 -11.64
CA MET A 53 -6.27 -6.50 -12.12
C MET A 53 -7.33 -6.48 -13.24
N ASP A 54 -7.56 -7.62 -13.88
CA ASP A 54 -8.61 -7.71 -14.89
C ASP A 54 -10.01 -7.52 -14.28
N ILE A 55 -10.12 -7.54 -12.96
CA ILE A 55 -11.42 -7.27 -12.35
C ILE A 55 -11.87 -5.84 -12.65
N ILE A 56 -10.90 -4.93 -12.85
CA ILE A 56 -11.22 -3.55 -13.16
C ILE A 56 -11.89 -3.52 -14.54
N ALA A 57 -11.29 -4.24 -15.48
CA ALA A 57 -11.85 -4.42 -16.83
C ALA A 57 -13.26 -4.99 -16.77
N GLU A 58 -13.45 -5.99 -15.94
CA GLU A 58 -14.73 -6.67 -15.87
C GLU A 58 -15.82 -5.75 -15.32
N PHE A 59 -15.46 -4.93 -14.33
CA PHE A 59 -16.41 -3.99 -13.76
C PHE A 59 -16.83 -2.94 -14.79
N ARG A 60 -15.84 -2.45 -15.55
N ARG A 60 -15.87 -2.45 -15.58
CA ARG A 60 -16.08 -1.49 -16.62
CA ARG A 60 -16.20 -1.45 -16.58
C ARG A 60 -17.07 -2.07 -17.62
C ARG A 60 -16.99 -2.02 -17.75
N LYS A 61 -16.78 -3.30 -18.05
CA LYS A 61 -17.58 -3.98 -19.05
C LYS A 61 -19.01 -4.21 -18.54
N ARG A 62 -19.13 -4.67 -17.30
CA ARG A 62 -20.43 -5.02 -16.74
C ARG A 62 -21.28 -3.84 -16.29
N PHE A 63 -20.65 -2.81 -15.73
CA PHE A 63 -21.37 -1.70 -15.13
C PHE A 63 -20.90 -0.38 -15.74
N GLY A 64 -21.75 0.63 -15.71
CA GLY A 64 -21.32 1.92 -16.21
C GLY A 64 -20.68 2.71 -15.09
N CYS A 65 -19.57 2.20 -14.54
N CYS A 65 -19.59 2.20 -14.52
CA CYS A 65 -18.98 2.80 -13.34
CA CYS A 65 -19.00 2.87 -13.37
C CYS A 65 -17.53 3.26 -13.45
C CYS A 65 -17.58 3.36 -13.61
N ARG A 66 -17.24 4.43 -12.90
CA ARG A 66 -15.87 4.90 -12.76
C ARG A 66 -15.22 4.03 -11.72
N ILE A 67 -13.90 3.89 -11.84
CA ILE A 67 -13.16 3.06 -10.91
C ILE A 67 -12.06 3.85 -10.20
N ILE A 68 -12.13 3.84 -8.89
CA ILE A 68 -11.06 4.41 -8.05
C ILE A 68 -10.30 3.24 -7.44
N ALA A 69 -9.01 3.15 -7.74
CA ALA A 69 -8.19 2.06 -7.20
C ALA A 69 -7.62 2.48 -5.85
N ASP A 70 -8.12 1.86 -4.78
CA ASP A 70 -7.70 2.25 -3.44
C ASP A 70 -6.48 1.43 -3.07
N PHE A 71 -5.33 1.86 -3.56
CA PHE A 71 -4.12 1.07 -3.40
C PHE A 71 -3.18 1.67 -2.36
N LYS A 72 -3.62 2.77 -1.75
CA LYS A 72 -2.86 3.44 -0.69
C LYS A 72 -1.35 3.44 -0.95
N VAL A 73 -1.01 3.93 -2.14
CA VAL A 73 0.35 3.82 -2.66
C VAL A 73 1.31 4.45 -1.67
N ALA A 74 2.33 3.70 -1.26
CA ALA A 74 3.15 4.15 -0.13
C ALA A 74 4.58 3.63 -0.22
N ASP A 75 5.15 3.75 -1.41
CA ASP A 75 6.51 3.28 -1.65
C ASP A 75 7.44 4.43 -2.02
N ILE A 76 8.67 4.10 -2.41
CA ILE A 76 9.63 5.09 -2.90
C ILE A 76 9.12 5.59 -4.25
N PRO A 77 9.61 6.77 -4.68
CA PRO A 77 9.13 7.33 -5.96
C PRO A 77 9.22 6.35 -7.14
N GLU A 78 10.33 5.63 -7.30
CA GLU A 78 10.50 4.75 -8.46
C GLU A 78 9.44 3.65 -8.50
N THR A 79 9.14 3.08 -7.34
CA THR A 79 8.16 2.02 -7.26
C THR A 79 6.76 2.58 -7.38
N ASN A 80 6.52 3.74 -6.79
CA ASN A 80 5.22 4.41 -6.91
C ASN A 80 4.86 4.63 -8.38
N GLU A 81 5.83 5.05 -9.17
N GLU A 81 5.84 5.05 -9.16
CA GLU A 81 5.60 5.28 -10.60
CA GLU A 81 5.61 5.29 -10.59
C GLU A 81 5.10 4.01 -11.28
C GLU A 81 5.13 4.03 -11.30
N LYS A 82 5.77 2.91 -11.00
CA LYS A 82 5.42 1.63 -11.61
C LYS A 82 4.02 1.17 -11.20
N ILE A 83 3.71 1.32 -9.92
CA ILE A 83 2.39 0.94 -9.43
C ILE A 83 1.30 1.76 -10.12
N CYS A 84 1.50 3.07 -10.22
CA CYS A 84 0.51 3.89 -10.90
C CYS A 84 0.38 3.54 -12.37
N ARG A 85 1.49 3.30 -13.05
CA ARG A 85 1.45 2.92 -14.46
C ARG A 85 0.65 1.63 -14.68
N ALA A 86 0.89 0.63 -13.85
CA ALA A 86 0.20 -0.65 -13.99
C ALA A 86 -1.29 -0.47 -13.74
N THR A 87 -1.61 0.40 -12.78
CA THR A 87 -2.98 0.57 -12.33
C THR A 87 -3.79 1.31 -13.38
N PHE A 88 -3.20 2.36 -13.96
CA PHE A 88 -3.90 3.11 -14.98
C PHE A 88 -4.00 2.30 -16.28
N LYS A 89 -2.97 1.51 -16.57
CA LYS A 89 -2.99 0.64 -17.74
C LYS A 89 -4.19 -0.29 -17.68
N ALA A 90 -4.53 -0.71 -16.47
CA ALA A 90 -5.62 -1.67 -16.27
C ALA A 90 -7.00 -1.02 -16.38
N GLY A 91 -7.04 0.30 -16.42
CA GLY A 91 -8.28 1.02 -16.64
C GLY A 91 -8.85 1.76 -15.44
N ALA A 92 -8.07 1.91 -14.37
CA ALA A 92 -8.54 2.71 -13.24
C ALA A 92 -8.60 4.17 -13.63
N ASP A 93 -9.67 4.84 -13.23
CA ASP A 93 -9.77 6.29 -13.47
C ASP A 93 -8.89 7.10 -12.53
N ALA A 94 -8.72 6.60 -11.32
CA ALA A 94 -7.98 7.32 -10.29
C ALA A 94 -7.35 6.32 -9.34
N ILE A 95 -6.37 6.80 -8.60
CA ILE A 95 -5.66 5.98 -7.61
C ILE A 95 -5.51 6.77 -6.31
N ILE A 96 -5.63 6.07 -5.19
CA ILE A 96 -5.44 6.65 -3.86
C ILE A 96 -4.01 6.42 -3.38
N VAL A 97 -3.36 7.50 -2.97
CA VAL A 97 -1.95 7.53 -2.60
C VAL A 97 -1.79 8.07 -1.18
N HIS A 98 -0.93 7.43 -0.38
CA HIS A 98 -0.59 7.97 0.94
C HIS A 98 0.30 9.18 0.82
N GLY A 99 0.06 10.17 1.67
CA GLY A 99 0.95 11.32 1.77
C GLY A 99 2.10 11.19 2.75
N PHE A 100 1.97 10.31 3.75
N PHE A 100 1.94 10.30 3.74
CA PHE A 100 3.01 10.25 4.78
CA PHE A 100 2.94 10.14 4.81
C PHE A 100 4.42 9.88 4.30
C PHE A 100 4.38 9.86 4.33
N PRO A 101 4.56 9.10 3.22
CA PRO A 101 5.93 8.91 2.71
C PRO A 101 6.61 10.15 2.09
N GLY A 102 5.92 11.29 2.02
CA GLY A 102 6.60 12.51 1.62
C GLY A 102 6.31 13.00 0.21
N ALA A 103 6.83 14.18 -0.10
CA ALA A 103 6.44 14.89 -1.32
C ALA A 103 6.93 14.19 -2.57
N ASP A 104 8.14 13.66 -2.54
CA ASP A 104 8.68 13.01 -3.74
C ASP A 104 7.85 11.80 -4.13
N SER A 105 7.44 11.02 -3.14
CA SER A 105 6.57 9.88 -3.40
C SER A 105 5.22 10.29 -3.99
N VAL A 106 4.69 11.42 -3.53
CA VAL A 106 3.40 11.89 -4.06
C VAL A 106 3.59 12.42 -5.48
N ARG A 107 4.65 13.20 -5.66
N ARG A 107 4.64 13.22 -5.66
CA ARG A 107 4.95 13.78 -6.97
CA ARG A 107 4.99 13.78 -6.97
C ARG A 107 5.17 12.71 -8.04
C ARG A 107 5.11 12.69 -8.03
N ALA A 108 5.72 11.57 -7.65
CA ALA A 108 5.91 10.47 -8.60
C ALA A 108 4.56 10.02 -9.15
N CYS A 109 3.57 9.91 -8.26
CA CYS A 109 2.23 9.51 -8.66
C CYS A 109 1.55 10.59 -9.52
N LEU A 110 1.66 11.85 -9.10
CA LEU A 110 1.08 12.93 -9.88
C LEU A 110 1.65 12.97 -11.28
N ASN A 111 2.96 12.73 -11.41
CA ASN A 111 3.60 12.78 -12.71
C ASN A 111 3.04 11.71 -13.65
N VAL A 112 2.87 10.49 -13.13
CA VAL A 112 2.31 9.43 -13.94
C VAL A 112 0.86 9.73 -14.30
N ALA A 113 0.10 10.23 -13.33
CA ALA A 113 -1.29 10.57 -13.58
C ALA A 113 -1.42 11.63 -14.66
N GLU A 114 -0.55 12.63 -14.63
CA GLU A 114 -0.57 13.69 -15.64
C GLU A 114 -0.27 13.12 -17.02
N GLU A 115 0.77 12.29 -17.08
CA GLU A 115 1.19 11.66 -18.33
C GLU A 115 0.11 10.76 -18.92
N MET A 116 -0.60 10.06 -18.05
CA MET A 116 -1.53 9.03 -18.49
C MET A 116 -2.99 9.50 -18.52
N GLY A 117 -3.21 10.77 -18.18
CA GLY A 117 -4.54 11.36 -18.23
C GLY A 117 -5.50 10.85 -17.18
N ARG A 118 -5.00 10.59 -15.98
CA ARG A 118 -5.83 10.09 -14.89
C ARG A 118 -5.63 10.93 -13.64
N GLU A 119 -6.20 10.49 -12.51
CA GLU A 119 -6.21 11.33 -11.30
C GLU A 119 -5.63 10.65 -10.06
N VAL A 120 -4.99 11.46 -9.21
CA VAL A 120 -4.52 11.04 -7.90
C VAL A 120 -5.43 11.60 -6.81
N PHE A 121 -5.79 10.74 -5.87
CA PHE A 121 -6.44 11.14 -4.63
C PHE A 121 -5.42 11.00 -3.53
N LEU A 122 -5.23 12.07 -2.76
CA LEU A 122 -4.25 12.05 -1.67
C LEU A 122 -4.95 11.75 -0.34
N LEU A 123 -4.56 10.64 0.28
CA LEU A 123 -5.07 10.27 1.58
C LEU A 123 -4.29 11.01 2.66
N THR A 124 -4.98 11.85 3.43
CA THR A 124 -4.33 12.66 4.45
C THR A 124 -4.44 11.88 5.77
N GLU A 125 -5.58 11.99 6.44
CA GLU A 125 -5.77 11.29 7.70
C GLU A 125 -6.67 10.08 7.48
N MET A 126 -6.44 9.02 8.25
CA MET A 126 -7.23 7.80 8.13
C MET A 126 -8.31 7.69 9.21
N SER A 127 -9.24 6.79 8.98
N SER A 127 -9.26 6.80 8.96
CA SER A 127 -10.46 6.76 9.79
CA SER A 127 -10.48 6.73 9.78
C SER A 127 -10.42 5.84 11.01
C SER A 127 -10.32 5.94 11.08
N HIS A 128 -9.44 4.95 11.07
CA HIS A 128 -9.36 3.97 12.13
C HIS A 128 -8.65 4.49 13.38
N PRO A 129 -8.85 3.83 14.53
CA PRO A 129 -8.26 4.32 15.78
C PRO A 129 -6.74 4.52 15.73
N GLY A 130 -6.03 3.60 15.09
CA GLY A 130 -4.58 3.68 15.01
C GLY A 130 -4.04 4.91 14.32
N ALA A 131 -4.90 5.56 13.54
CA ALA A 131 -4.49 6.77 12.82
C ALA A 131 -4.09 7.88 13.78
N GLU A 132 -4.56 7.79 15.01
CA GLU A 132 -4.24 8.80 16.02
C GLU A 132 -2.77 8.78 16.46
N MET A 133 -2.12 7.63 16.29
N MET A 133 -2.12 7.63 16.26
CA MET A 133 -0.75 7.44 16.79
CA MET A 133 -0.76 7.45 16.78
C MET A 133 0.28 8.30 16.06
C MET A 133 0.29 8.28 16.07
N PHE A 134 0.25 8.27 14.73
CA PHE A 134 1.25 8.98 13.92
C PHE A 134 0.64 9.83 12.81
N ILE A 135 -0.39 9.30 12.16
CA ILE A 135 -0.94 9.99 10.99
C ILE A 135 -1.62 11.32 11.34
N GLN A 136 -2.41 11.33 12.40
CA GLN A 136 -3.14 12.55 12.77
C GLN A 136 -2.25 13.77 12.95
N GLY A 137 -1.12 13.59 13.62
CA GLY A 137 -0.21 14.68 13.89
C GLY A 137 0.45 15.26 12.65
N ALA A 138 0.50 14.47 11.58
CA ALA A 138 1.11 14.89 10.32
C ALA A 138 0.08 15.36 9.31
N ALA A 139 -1.20 15.12 9.59
CA ALA A 139 -2.23 15.23 8.57
C ALA A 139 -2.43 16.62 7.98
N ASP A 140 -2.41 17.64 8.84
CA ASP A 140 -2.60 19.01 8.35
C ASP A 140 -1.45 19.38 7.43
N GLU A 141 -0.24 18.95 7.78
CA GLU A 141 0.92 19.23 6.93
C GLU A 141 0.88 18.42 5.63
N ILE A 142 0.44 17.17 5.71
CA ILE A 142 0.27 16.37 4.52
C ILE A 142 -0.75 17.04 3.56
N ALA A 143 -1.84 17.55 4.14
CA ALA A 143 -2.84 18.24 3.33
C ALA A 143 -2.26 19.48 2.68
N ARG A 144 -1.52 20.28 3.45
CA ARG A 144 -0.91 21.50 2.95
C ARG A 144 0.09 21.18 1.85
N MET A 145 0.84 20.09 2.04
CA MET A 145 1.77 19.60 1.04
C MET A 145 1.04 19.23 -0.25
N GLY A 146 -0.10 18.55 -0.12
CA GLY A 146 -0.92 18.25 -1.27
C GLY A 146 -1.34 19.50 -2.03
N VAL A 147 -1.77 20.52 -1.30
CA VAL A 147 -2.18 21.77 -1.96
C VAL A 147 -0.99 22.38 -2.72
N ASP A 148 0.17 22.39 -2.08
CA ASP A 148 1.36 22.95 -2.69
C ASP A 148 1.78 22.17 -3.94
N LEU A 149 1.56 20.85 -3.92
CA LEU A 149 1.89 19.99 -5.06
C LEU A 149 0.85 20.05 -6.17
N GLY A 150 -0.27 20.74 -5.91
CA GLY A 150 -1.33 20.87 -6.90
C GLY A 150 -2.33 19.72 -6.91
N VAL A 151 -2.33 18.92 -5.85
CA VAL A 151 -3.34 17.86 -5.70
C VAL A 151 -4.74 18.47 -5.63
N LYS A 152 -5.68 17.86 -6.35
CA LYS A 152 -7.03 18.39 -6.42
C LYS A 152 -8.02 17.47 -5.72
N ASN A 153 -7.63 16.21 -5.50
CA ASN A 153 -8.54 15.22 -4.92
C ASN A 153 -7.96 14.62 -3.65
N TYR A 154 -8.80 14.48 -2.62
CA TYR A 154 -8.35 14.11 -1.28
C TYR A 154 -9.27 13.09 -0.62
N VAL A 155 -8.71 12.36 0.34
CA VAL A 155 -9.48 11.43 1.14
C VAL A 155 -9.26 11.78 2.62
N GLY A 156 -10.34 11.91 3.39
CA GLY A 156 -10.24 12.19 4.82
C GLY A 156 -11.33 11.48 5.59
N PRO A 157 -11.21 11.42 6.92
CA PRO A 157 -11.99 10.48 7.73
C PRO A 157 -13.36 10.95 8.20
N SER A 158 -14.39 10.16 7.94
N SER A 158 -14.38 10.14 7.93
CA SER A 158 -15.72 10.53 8.40
CA SER A 158 -15.75 10.40 8.35
C SER A 158 -15.86 10.36 9.91
C SER A 158 -15.93 10.24 9.86
N THR A 159 -15.02 9.49 10.48
CA THR A 159 -15.11 9.17 11.90
C THR A 159 -14.66 10.32 12.80
N ARG A 160 -14.04 11.35 12.23
CA ARG A 160 -13.58 12.50 12.97
C ARG A 160 -14.02 13.78 12.29
N PRO A 161 -15.28 14.17 12.49
CA PRO A 161 -15.86 15.35 11.85
C PRO A 161 -15.01 16.60 12.01
N GLU A 162 -14.44 16.81 13.20
CA GLU A 162 -13.59 17.98 13.43
C GLU A 162 -12.36 17.97 12.54
N ARG A 163 -11.76 16.80 12.36
CA ARG A 163 -10.61 16.65 11.49
C ARG A 163 -10.99 16.79 10.01
N LEU A 164 -12.13 16.20 9.63
CA LEU A 164 -12.61 16.31 8.25
C LEU A 164 -12.91 17.77 7.89
N SER A 165 -13.50 18.50 8.83
CA SER A 165 -13.79 19.92 8.63
C SER A 165 -12.48 20.70 8.41
N ARG A 166 -11.46 20.40 9.20
CA ARG A 166 -10.19 21.10 9.05
C ARG A 166 -9.53 20.79 7.72
N LEU A 167 -9.57 19.53 7.31
CA LEU A 167 -9.03 19.13 6.02
C LEU A 167 -9.72 19.89 4.88
N ARG A 168 -11.04 19.99 4.94
CA ARG A 168 -11.77 20.78 3.96
C ARG A 168 -11.29 22.23 3.93
N GLU A 169 -11.06 22.82 5.11
CA GLU A 169 -10.56 24.18 5.15
C GLU A 169 -9.22 24.29 4.42
N ILE A 170 -8.31 23.38 4.72
CA ILE A 170 -6.97 23.44 4.16
C ILE A 170 -7.00 23.31 2.63
N ILE A 171 -7.81 22.39 2.12
CA ILE A 171 -7.78 22.13 0.68
C ILE A 171 -8.65 23.10 -0.11
N GLY A 172 -9.56 23.78 0.57
CA GLY A 172 -10.41 24.76 -0.09
C GLY A 172 -11.66 24.12 -0.68
N GLN A 173 -12.61 24.98 -1.01
CA GLN A 173 -13.90 24.53 -1.51
C GLN A 173 -13.82 23.92 -2.90
N ASP A 174 -12.79 24.27 -3.68
CA ASP A 174 -12.70 23.82 -5.06
C ASP A 174 -12.15 22.39 -5.18
N SER A 175 -11.40 21.97 -4.18
CA SER A 175 -10.86 20.61 -4.15
C SER A 175 -11.98 19.60 -3.95
N PHE A 176 -11.73 18.37 -4.37
CA PHE A 176 -12.69 17.29 -4.27
C PHE A 176 -12.28 16.39 -3.11
N LEU A 177 -13.23 16.07 -2.23
CA LEU A 177 -12.93 15.33 -1.01
C LEU A 177 -13.91 14.17 -0.87
N ILE A 178 -13.37 12.96 -0.73
CA ILE A 178 -14.22 11.80 -0.46
C ILE A 178 -13.85 11.21 0.89
N SER A 179 -14.78 10.51 1.52
CA SER A 179 -14.61 10.17 2.93
C SER A 179 -15.16 8.80 3.30
N PRO A 180 -14.28 7.90 3.77
CA PRO A 180 -14.69 6.56 4.23
C PRO A 180 -14.88 6.56 5.73
N GLY A 181 -15.32 5.43 6.26
CA GLY A 181 -15.61 5.31 7.69
C GLY A 181 -17.08 5.48 8.02
N VAL A 182 -17.92 5.55 6.99
CA VAL A 182 -19.36 5.73 7.12
C VAL A 182 -20.06 4.39 7.27
N GLY A 183 -20.95 4.30 8.26
CA GLY A 183 -21.67 3.05 8.50
C GLY A 183 -20.92 2.17 9.47
N ALA A 184 -20.20 1.18 8.95
CA ALA A 184 -19.54 0.19 9.80
C ALA A 184 -18.60 0.80 10.86
N GLN A 185 -17.88 1.85 10.50
CA GLN A 185 -16.92 2.46 11.41
C GLN A 185 -17.53 3.60 12.22
N GLY A 186 -18.80 3.91 11.96
CA GLY A 186 -19.55 4.83 12.80
C GLY A 186 -19.79 6.23 12.28
N GLY A 187 -19.21 6.58 11.13
CA GLY A 187 -19.46 7.89 10.56
C GLY A 187 -20.88 8.02 10.03
N ASP A 188 -21.46 9.21 10.16
CA ASP A 188 -22.83 9.49 9.74
C ASP A 188 -22.81 10.09 8.33
N PRO A 189 -23.66 9.56 7.43
CA PRO A 189 -23.66 10.01 6.03
C PRO A 189 -23.91 11.51 5.90
N GLY A 190 -25.00 12.00 6.47
CA GLY A 190 -25.34 13.42 6.39
C GLY A 190 -24.29 14.35 6.97
N GLU A 191 -23.83 14.04 8.17
CA GLU A 191 -22.80 14.85 8.83
C GLU A 191 -21.52 14.90 8.00
N THR A 192 -21.16 13.76 7.40
CA THR A 192 -19.95 13.68 6.60
C THR A 192 -20.04 14.54 5.35
N LEU A 193 -21.22 14.58 4.75
CA LEU A 193 -21.44 15.35 3.52
C LEU A 193 -21.50 16.87 3.76
N ARG A 194 -21.44 17.28 5.01
CA ARG A 194 -21.23 18.71 5.32
C ARG A 194 -19.90 19.17 4.75
N PHE A 195 -18.93 18.26 4.71
CA PHE A 195 -17.55 18.58 4.35
C PHE A 195 -17.05 17.82 3.12
N ALA A 196 -17.42 16.54 3.01
CA ALA A 196 -16.99 15.73 1.88
C ALA A 196 -17.94 15.90 0.70
N ASP A 197 -17.40 15.84 -0.52
CA ASP A 197 -18.22 15.79 -1.73
C ASP A 197 -18.98 14.48 -1.86
N ALA A 198 -18.36 13.39 -1.43
CA ALA A 198 -18.97 12.07 -1.52
C ALA A 198 -18.53 11.21 -0.35
N ILE A 199 -19.41 10.30 0.06
CA ILE A 199 -19.07 9.34 1.09
C ILE A 199 -18.71 8.01 0.45
N ILE A 200 -17.78 7.32 1.08
CA ILE A 200 -17.41 5.95 0.70
C ILE A 200 -18.09 5.02 1.68
N VAL A 201 -18.80 4.02 1.16
CA VAL A 201 -19.48 3.04 2.02
C VAL A 201 -19.24 1.62 1.51
N GLY A 202 -18.73 0.77 2.40
CA GLY A 202 -18.46 -0.62 2.06
C GLY A 202 -19.41 -1.58 2.74
N ARG A 203 -19.01 -2.08 3.92
CA ARG A 203 -19.74 -3.14 4.61
C ARG A 203 -21.23 -2.91 4.85
N SER A 204 -21.62 -1.67 5.17
N SER A 204 -21.65 -1.69 5.18
CA SER A 204 -23.03 -1.36 5.39
CA SER A 204 -23.07 -1.49 5.44
C SER A 204 -23.88 -1.76 4.19
C SER A 204 -23.92 -1.60 4.18
N ILE A 205 -23.28 -1.66 3.01
CA ILE A 205 -23.95 -2.04 1.78
C ILE A 205 -23.66 -3.49 1.41
N TYR A 206 -22.38 -3.85 1.31
CA TYR A 206 -22.07 -5.16 0.73
C TYR A 206 -22.30 -6.37 1.63
N LEU A 207 -22.45 -6.15 2.94
CA LEU A 207 -22.78 -7.23 3.85
C LEU A 207 -24.27 -7.29 4.21
N ALA A 208 -25.04 -6.32 3.70
CA ALA A 208 -26.48 -6.30 3.94
C ALA A 208 -27.21 -7.45 3.26
N ASP A 209 -28.29 -7.92 3.87
CA ASP A 209 -29.11 -8.95 3.25
C ASP A 209 -29.61 -8.46 1.89
N ASN A 210 -29.87 -7.16 1.77
CA ASN A 210 -30.31 -6.54 0.54
C ASN A 210 -29.50 -5.28 0.29
N PRO A 211 -28.36 -5.43 -0.39
CA PRO A 211 -27.49 -4.27 -0.64
C PRO A 211 -28.20 -3.10 -1.32
N ALA A 212 -29.10 -3.39 -2.26
CA ALA A 212 -29.82 -2.32 -2.93
C ALA A 212 -30.64 -1.52 -1.93
N ALA A 213 -31.33 -2.24 -1.03
CA ALA A 213 -32.14 -1.57 -0.02
C ALA A 213 -31.26 -0.75 0.92
N ALA A 214 -30.08 -1.28 1.24
CA ALA A 214 -29.15 -0.56 2.11
C ALA A 214 -28.69 0.74 1.44
N ALA A 215 -28.29 0.66 0.18
CA ALA A 215 -27.86 1.86 -0.55
C ALA A 215 -29.00 2.85 -0.69
N ALA A 216 -30.20 2.36 -1.01
CA ALA A 216 -31.35 3.22 -1.18
C ALA A 216 -31.66 3.93 0.13
N GLY A 217 -31.47 3.23 1.24
CA GLY A 217 -31.73 3.77 2.56
C GLY A 217 -30.75 4.86 2.95
N ILE A 218 -29.49 4.69 2.57
CA ILE A 218 -28.49 5.72 2.83
C ILE A 218 -28.84 6.97 2.02
N ILE A 219 -29.20 6.75 0.76
CA ILE A 219 -29.53 7.86 -0.13
C ILE A 219 -30.76 8.62 0.35
N GLU A 220 -31.76 7.90 0.87
CA GLU A 220 -32.96 8.55 1.37
C GLU A 220 -32.61 9.44 2.57
N SER A 221 -31.66 8.98 3.39
CA SER A 221 -31.25 9.73 4.58
C SER A 221 -30.52 11.03 4.23
N ILE A 222 -30.01 11.14 3.00
CA ILE A 222 -29.27 12.34 2.57
C ILE A 222 -29.95 13.03 1.38
N LYS A 223 -31.22 12.75 1.18
CA LYS A 223 -31.96 13.21 0.00
C LYS A 223 -31.88 14.71 -0.26
N ASP A 224 -31.98 15.51 0.80
CA ASP A 224 -31.97 16.97 0.67
C ASP A 224 -30.58 17.55 0.42
N LEU A 225 -29.59 16.68 0.33
CA LEU A 225 -28.19 17.09 0.10
C LEU A 225 -27.78 16.74 -1.33
N LEU A 226 -28.72 16.20 -2.10
CA LEU A 226 -28.44 15.77 -3.46
C LEU A 226 -28.94 16.78 -4.50
N VAL B 8 14.98 -17.63 13.10
CA VAL B 8 15.44 -16.56 12.21
C VAL B 8 15.63 -17.05 10.78
N MET B 9 15.06 -16.29 9.84
CA MET B 9 15.17 -16.58 8.42
C MET B 9 16.64 -16.64 7.99
N ASP B 10 16.98 -17.69 7.24
CA ASP B 10 18.35 -17.88 6.77
C ASP B 10 18.49 -17.50 5.29
N VAL B 11 18.89 -16.27 5.05
CA VAL B 11 18.99 -15.73 3.70
C VAL B 11 20.35 -16.03 3.10
N MET B 12 20.37 -16.81 2.03
CA MET B 12 21.62 -17.16 1.35
C MET B 12 22.38 -15.90 0.95
N ASN B 13 23.67 -15.86 1.31
CA ASN B 13 24.54 -14.74 0.97
C ASN B 13 24.08 -13.38 1.52
N ARG B 14 23.18 -13.38 2.50
CA ARG B 14 22.64 -12.15 3.10
C ARG B 14 22.08 -11.19 2.04
N LEU B 15 21.60 -11.75 0.93
CA LEU B 15 21.22 -10.97 -0.23
C LEU B 15 19.83 -11.33 -0.73
N ILE B 16 18.92 -10.35 -0.68
CA ILE B 16 17.54 -10.56 -1.12
C ILE B 16 17.33 -9.81 -2.43
N LEU B 17 16.89 -10.51 -3.47
CA LEU B 17 16.63 -9.87 -4.76
C LEU B 17 15.28 -9.17 -4.76
N ALA B 18 15.28 -7.87 -5.05
CA ALA B 18 14.03 -7.13 -5.24
C ALA B 18 13.63 -7.25 -6.70
N MET B 19 12.70 -8.15 -7.00
CA MET B 19 12.33 -8.41 -8.38
C MET B 19 11.17 -7.51 -8.82
N ASP B 20 11.51 -6.30 -9.27
CA ASP B 20 10.53 -5.29 -9.65
C ASP B 20 10.43 -5.09 -11.17
N LEU B 21 10.94 -6.03 -11.95
CA LEU B 21 10.65 -6.06 -13.38
C LEU B 21 9.16 -6.31 -13.53
N MET B 22 8.56 -5.79 -14.60
CA MET B 22 7.11 -5.85 -14.72
C MET B 22 6.62 -6.78 -15.82
N ASN B 23 7.55 -7.56 -16.37
CA ASN B 23 7.22 -8.55 -17.39
C ASN B 23 7.60 -9.93 -16.87
N ARG B 24 6.67 -10.86 -16.96
CA ARG B 24 6.89 -12.22 -16.48
C ARG B 24 8.12 -12.90 -17.09
N ASP B 25 8.29 -12.80 -18.40
CA ASP B 25 9.41 -13.43 -19.07
C ASP B 25 10.75 -12.89 -18.57
N ASP B 26 10.87 -11.57 -18.46
CA ASP B 26 12.10 -10.96 -18.00
C ASP B 26 12.35 -11.27 -16.52
N ALA B 27 11.29 -11.20 -15.71
CA ALA B 27 11.41 -11.46 -14.28
C ALA B 27 11.90 -12.88 -13.99
N LEU B 28 11.33 -13.84 -14.70
CA LEU B 28 11.72 -15.24 -14.56
C LEU B 28 13.13 -15.49 -15.08
N ARG B 29 13.47 -14.87 -16.21
CA ARG B 29 14.79 -15.07 -16.80
C ARG B 29 15.89 -14.51 -15.90
N VAL B 30 15.73 -13.27 -15.49
CA VAL B 30 16.71 -12.61 -14.63
C VAL B 30 16.86 -13.33 -13.28
N THR B 31 15.74 -13.70 -12.66
CA THR B 31 15.82 -14.43 -11.39
C THR B 31 16.55 -15.76 -11.60
N GLY B 32 16.26 -16.42 -12.71
CA GLY B 32 16.95 -17.65 -13.05
C GLY B 32 18.45 -17.45 -13.18
N GLU B 33 18.84 -16.32 -13.76
CA GLU B 33 20.26 -16.03 -13.98
C GLU B 33 21.03 -15.83 -12.68
N VAL B 34 20.33 -15.42 -11.63
CA VAL B 34 21.00 -15.16 -10.35
C VAL B 34 20.64 -16.17 -9.27
N ARG B 35 19.94 -17.24 -9.65
CA ARG B 35 19.41 -18.19 -8.68
C ARG B 35 20.47 -18.85 -7.81
N GLU B 36 21.67 -19.02 -8.35
CA GLU B 36 22.72 -19.69 -7.60
C GLU B 36 23.22 -18.82 -6.45
N TYR B 37 22.88 -17.54 -6.49
CA TYR B 37 23.37 -16.59 -5.50
C TYR B 37 22.36 -16.27 -4.41
N ILE B 38 21.09 -16.61 -4.63
CA ILE B 38 20.04 -16.22 -3.69
C ILE B 38 19.08 -17.37 -3.41
N ASP B 39 18.33 -17.24 -2.33
CA ASP B 39 17.24 -18.18 -2.06
C ASP B 39 16.05 -17.43 -1.50
N THR B 40 16.08 -16.11 -1.63
CA THR B 40 15.05 -15.26 -1.09
C THR B 40 14.76 -14.15 -2.08
N VAL B 41 13.50 -14.04 -2.50
CA VAL B 41 13.13 -13.01 -3.46
C VAL B 41 12.02 -12.14 -2.88
N LYS B 42 12.20 -10.82 -3.01
CA LYS B 42 11.16 -9.87 -2.61
C LYS B 42 10.36 -9.51 -3.85
N ILE B 43 9.06 -9.82 -3.81
CA ILE B 43 8.16 -9.51 -4.91
C ILE B 43 7.21 -8.41 -4.46
N GLY B 44 7.03 -7.40 -5.29
CA GLY B 44 6.21 -6.27 -4.92
C GLY B 44 5.08 -6.05 -5.91
N TYR B 45 4.40 -4.93 -5.76
CA TYR B 45 3.30 -4.60 -6.64
C TYR B 45 3.66 -4.34 -8.12
N PRO B 46 4.86 -3.82 -8.41
CA PRO B 46 5.16 -3.71 -9.85
C PRO B 46 4.99 -5.03 -10.61
N LEU B 47 5.49 -6.12 -10.06
CA LEU B 47 5.37 -7.40 -10.75
C LEU B 47 3.99 -8.01 -10.57
N VAL B 48 3.48 -7.97 -9.34
CA VAL B 48 2.17 -8.58 -9.06
C VAL B 48 1.00 -7.91 -9.80
N LEU B 49 0.99 -6.58 -9.88
CA LEU B 49 -0.08 -5.89 -10.57
C LEU B 49 0.03 -6.05 -12.10
N SER B 50 1.22 -6.34 -12.60
CA SER B 50 1.43 -6.54 -14.02
C SER B 50 1.15 -7.96 -14.48
N GLU B 51 1.45 -8.94 -13.62
CA GLU B 51 1.38 -10.34 -14.04
C GLU B 51 0.46 -11.24 -13.22
N GLY B 52 -0.04 -10.73 -12.10
CA GLY B 52 -0.97 -11.48 -11.28
C GLY B 52 -0.30 -12.15 -10.09
N MET B 53 -1.10 -12.46 -9.08
CA MET B 53 -0.58 -13.08 -7.87
C MET B 53 -0.11 -14.52 -8.09
N ASP B 54 -0.52 -15.13 -9.20
CA ASP B 54 -0.06 -16.48 -9.54
C ASP B 54 1.46 -16.55 -9.75
N ILE B 55 2.09 -15.41 -9.95
CA ILE B 55 3.54 -15.36 -10.17
C ILE B 55 4.30 -15.85 -8.94
N ILE B 56 3.70 -15.70 -7.76
CA ILE B 56 4.36 -16.13 -6.55
C ILE B 56 4.54 -17.64 -6.52
N ALA B 57 3.48 -18.37 -6.84
CA ALA B 57 3.60 -19.82 -6.89
C ALA B 57 4.57 -20.25 -7.99
N GLU B 58 4.59 -19.51 -9.09
CA GLU B 58 5.48 -19.85 -10.19
C GLU B 58 6.95 -19.71 -9.76
N PHE B 59 7.26 -18.67 -9.00
CA PHE B 59 8.61 -18.50 -8.46
C PHE B 59 8.98 -19.69 -7.56
N ARG B 60 8.06 -20.09 -6.68
N ARG B 60 8.05 -20.10 -6.70
CA ARG B 60 8.28 -21.22 -5.79
CA ARG B 60 8.34 -21.23 -5.81
C ARG B 60 8.50 -22.53 -6.58
C ARG B 60 8.52 -22.54 -6.59
N LYS B 61 7.71 -22.72 -7.62
CA LYS B 61 7.81 -23.90 -8.47
C LYS B 61 9.15 -23.95 -9.20
N ARG B 62 9.58 -22.82 -9.72
CA ARG B 62 10.82 -22.76 -10.50
C ARG B 62 12.09 -22.72 -9.67
N PHE B 63 12.06 -22.00 -8.54
CA PHE B 63 13.28 -21.71 -7.80
C PHE B 63 13.29 -22.23 -6.37
N GLY B 64 12.11 -22.52 -5.81
CA GLY B 64 12.00 -22.98 -4.45
C GLY B 64 12.30 -21.88 -3.43
N CYS B 65 12.53 -20.67 -3.92
CA CYS B 65 12.95 -19.56 -3.08
C CYS B 65 11.88 -19.18 -2.06
N ARG B 66 12.30 -18.53 -0.97
CA ARG B 66 11.36 -17.84 -0.09
C ARG B 66 10.85 -16.60 -0.78
N ILE B 67 9.62 -16.23 -0.49
CA ILE B 67 9.02 -15.05 -1.11
C ILE B 67 8.56 -14.07 -0.05
N ILE B 68 9.10 -12.86 -0.09
CA ILE B 68 8.64 -11.79 0.78
C ILE B 68 7.79 -10.86 -0.06
N ALA B 69 6.52 -10.70 0.32
CA ALA B 69 5.62 -9.82 -0.43
C ALA B 69 5.75 -8.39 0.10
N ASP B 70 6.37 -7.53 -0.70
CA ASP B 70 6.59 -6.15 -0.27
C ASP B 70 5.40 -5.31 -0.68
N PHE B 71 4.34 -5.38 0.12
CA PHE B 71 3.09 -4.75 -0.25
C PHE B 71 2.82 -3.49 0.58
N LYS B 72 3.78 -3.09 1.42
CA LYS B 72 3.70 -1.81 2.14
C LYS B 72 2.32 -1.64 2.77
N VAL B 73 1.84 -2.68 3.47
CA VAL B 73 0.43 -2.73 3.88
C VAL B 73 0.12 -1.54 4.78
N ALA B 74 -0.89 -0.76 4.42
CA ALA B 74 -1.09 0.54 5.05
C ALA B 74 -2.54 0.96 5.08
N ASP B 75 -3.43 0.01 5.41
CA ASP B 75 -4.85 0.28 5.44
C ASP B 75 -5.39 0.16 6.87
N ILE B 76 -6.70 0.23 7.01
CA ILE B 76 -7.36 0.02 8.31
C ILE B 76 -7.24 -1.46 8.67
N PRO B 77 -7.40 -1.81 9.96
CA PRO B 77 -7.24 -3.22 10.37
C PRO B 77 -8.07 -4.23 9.56
N GLU B 78 -9.36 -3.95 9.32
CA GLU B 78 -10.21 -4.88 8.60
C GLU B 78 -9.68 -5.17 7.19
N THR B 79 -9.26 -4.12 6.50
CA THR B 79 -8.72 -4.30 5.15
C THR B 79 -7.34 -4.95 5.18
N ASN B 80 -6.52 -4.55 6.15
CA ASN B 80 -5.20 -5.18 6.30
C ASN B 80 -5.33 -6.69 6.46
N GLU B 81 -6.32 -7.13 7.24
N GLU B 81 -6.32 -7.14 7.22
CA GLU B 81 -6.52 -8.56 7.42
CA GLU B 81 -6.52 -8.58 7.39
C GLU B 81 -6.74 -9.25 6.08
C GLU B 81 -6.79 -9.27 6.06
N LYS B 82 -7.62 -8.67 5.26
N LYS B 82 -7.63 -8.66 5.23
CA LYS B 82 -7.96 -9.25 3.96
CA LYS B 82 -7.98 -9.24 3.94
C LYS B 82 -6.78 -9.27 3.01
C LYS B 82 -6.78 -9.27 3.00
N ILE B 83 -6.00 -8.19 2.99
CA ILE B 83 -4.80 -8.12 2.16
C ILE B 83 -3.81 -9.21 2.55
N CYS B 84 -3.60 -9.39 3.85
CA CYS B 84 -2.68 -10.44 4.30
C CYS B 84 -3.17 -11.84 3.96
N ARG B 85 -4.48 -12.06 4.13
CA ARG B 85 -5.04 -13.35 3.79
C ARG B 85 -4.85 -13.67 2.31
N ALA B 86 -5.16 -12.71 1.43
CA ALA B 86 -5.01 -12.93 -0.01
C ALA B 86 -3.55 -13.18 -0.38
N THR B 87 -2.66 -12.47 0.29
CA THR B 87 -1.23 -12.55 0.00
C THR B 87 -0.65 -13.89 0.42
N PHE B 88 -1.00 -14.36 1.62
CA PHE B 88 -0.51 -15.66 2.07
C PHE B 88 -1.17 -16.82 1.31
N LYS B 89 -2.42 -16.65 0.89
CA LYS B 89 -3.07 -17.64 0.05
C LYS B 89 -2.28 -17.85 -1.25
N ALA B 90 -1.66 -16.78 -1.74
CA ALA B 90 -0.87 -16.86 -2.97
C ALA B 90 0.49 -17.51 -2.76
N GLY B 91 0.83 -17.82 -1.51
CA GLY B 91 2.08 -18.50 -1.22
C GLY B 91 3.25 -17.65 -0.72
N ALA B 92 3.01 -16.38 -0.42
CA ALA B 92 4.06 -15.57 0.19
C ALA B 92 4.43 -16.11 1.57
N ASP B 93 5.71 -16.08 1.88
CA ASP B 93 6.17 -16.51 3.21
C ASP B 93 6.08 -15.39 4.23
N ALA B 94 6.13 -14.15 3.76
CA ALA B 94 6.18 -13.00 4.65
C ALA B 94 5.61 -11.80 3.94
N ILE B 95 5.21 -10.78 4.71
CA ILE B 95 4.67 -9.57 4.12
C ILE B 95 5.25 -8.35 4.81
N ILE B 96 5.49 -7.30 4.04
CA ILE B 96 5.98 -6.04 4.59
C ILE B 96 4.84 -5.10 4.89
N VAL B 97 4.81 -4.59 6.13
CA VAL B 97 3.72 -3.75 6.61
C VAL B 97 4.26 -2.42 7.11
N HIS B 98 3.60 -1.32 6.74
CA HIS B 98 3.95 -0.01 7.31
C HIS B 98 3.52 0.08 8.75
N GLY B 99 4.37 0.72 9.56
CA GLY B 99 4.01 0.97 10.94
C GLY B 99 3.29 2.29 11.16
N PHE B 100 3.44 3.22 10.23
N PHE B 100 3.43 3.23 10.24
CA PHE B 100 2.88 4.58 10.37
CA PHE B 100 2.86 4.56 10.47
C PHE B 100 1.35 4.62 10.65
C PHE B 100 1.32 4.62 10.66
N PRO B 101 0.55 3.72 10.02
CA PRO B 101 -0.89 3.72 10.36
C PRO B 101 -1.27 3.22 11.75
N GLY B 102 -0.30 2.79 12.57
CA GLY B 102 -0.58 2.54 13.97
C GLY B 102 -0.68 1.09 14.38
N ALA B 103 -0.84 0.85 15.68
CA ALA B 103 -0.69 -0.49 16.25
C ALA B 103 -1.78 -1.47 15.84
N ASP B 104 -3.03 -1.00 15.77
CA ASP B 104 -4.13 -1.86 15.41
C ASP B 104 -3.96 -2.41 13.99
N SER B 105 -3.50 -1.55 13.10
CA SER B 105 -3.27 -1.99 11.73
C SER B 105 -2.15 -3.03 11.63
N VAL B 106 -1.12 -2.89 12.46
CA VAL B 106 -0.05 -3.89 12.48
C VAL B 106 -0.56 -5.20 13.08
N ARG B 107 -1.31 -5.10 14.18
CA ARG B 107 -1.81 -6.28 14.87
C ARG B 107 -2.72 -7.13 13.95
N ALA B 108 -3.51 -6.46 13.13
CA ALA B 108 -4.34 -7.16 12.15
C ALA B 108 -3.50 -8.10 11.27
N CYS B 109 -2.34 -7.62 10.85
CA CYS B 109 -1.42 -8.40 10.02
C CYS B 109 -0.75 -9.52 10.80
N LEU B 110 -0.31 -9.21 12.01
CA LEU B 110 0.27 -10.23 12.88
C LEU B 110 -0.69 -11.39 13.11
N ASN B 111 -1.97 -11.08 13.30
CA ASN B 111 -2.96 -12.14 13.54
C ASN B 111 -3.05 -13.10 12.36
N VAL B 112 -3.14 -12.57 11.14
CA VAL B 112 -3.24 -13.44 9.97
C VAL B 112 -1.96 -14.25 9.75
N ALA B 113 -0.82 -13.59 9.93
CA ALA B 113 0.46 -14.27 9.80
C ALA B 113 0.56 -15.45 10.76
N GLU B 114 0.17 -15.24 12.02
CA GLU B 114 0.17 -16.34 12.98
C GLU B 114 -0.73 -17.51 12.54
N GLU B 115 -1.91 -17.17 12.04
CA GLU B 115 -2.89 -18.15 11.60
C GLU B 115 -2.39 -19.01 10.45
N MET B 116 -1.59 -18.42 9.58
CA MET B 116 -1.19 -19.08 8.33
C MET B 116 0.28 -19.50 8.35
N GLY B 117 0.94 -19.33 9.50
CA GLY B 117 2.34 -19.72 9.63
C GLY B 117 3.27 -18.87 8.77
N ARG B 118 3.12 -17.56 8.87
CA ARG B 118 3.97 -16.64 8.11
C ARG B 118 4.53 -15.56 9.02
N GLU B 119 5.29 -14.65 8.43
CA GLU B 119 5.92 -13.58 9.19
C GLU B 119 5.54 -12.20 8.67
N VAL B 120 5.42 -11.27 9.61
CA VAL B 120 5.28 -9.84 9.30
C VAL B 120 6.62 -9.13 9.48
N PHE B 121 7.00 -8.36 8.46
CA PHE B 121 8.15 -7.46 8.54
C PHE B 121 7.61 -6.05 8.73
N LEU B 122 8.02 -5.38 9.81
CA LEU B 122 7.58 -4.01 10.08
C LEU B 122 8.53 -2.99 9.46
N LEU B 123 8.03 -2.19 8.53
CA LEU B 123 8.79 -1.10 7.95
C LEU B 123 8.72 0.13 8.83
N THR B 124 9.89 0.57 9.33
CA THR B 124 9.94 1.66 10.30
C THR B 124 10.39 3.01 9.75
N GLU B 125 11.45 3.01 8.94
CA GLU B 125 11.89 4.21 8.24
C GLU B 125 12.24 3.79 6.83
N MET B 126 11.84 4.62 5.88
CA MET B 126 12.07 4.33 4.47
C MET B 126 13.35 4.95 3.95
N SER B 127 13.80 4.47 2.80
CA SER B 127 15.11 4.85 2.29
C SER B 127 15.21 6.11 1.44
N HIS B 128 14.08 6.58 0.93
CA HIS B 128 14.08 7.65 -0.05
C HIS B 128 14.07 9.02 0.65
N PRO B 129 14.43 10.09 -0.06
CA PRO B 129 14.52 11.42 0.56
C PRO B 129 13.24 11.87 1.26
N GLY B 130 12.08 11.60 0.68
CA GLY B 130 10.82 12.00 1.28
C GLY B 130 10.55 11.39 2.64
N ALA B 131 11.25 10.31 2.97
CA ALA B 131 11.10 9.69 4.30
C ALA B 131 11.43 10.67 5.41
N GLU B 132 12.24 11.68 5.10
CA GLU B 132 12.64 12.66 6.10
C GLU B 132 11.48 13.55 6.57
N MET B 133 10.44 13.71 5.74
N MET B 133 10.44 13.66 5.75
CA MET B 133 9.38 14.66 6.04
CA MET B 133 9.38 14.64 5.99
C MET B 133 8.53 14.25 7.24
C MET B 133 8.45 14.28 7.15
N PHE B 134 8.04 13.01 7.22
CA PHE B 134 7.14 12.56 8.26
C PHE B 134 7.57 11.25 8.91
N ILE B 135 8.09 10.33 8.12
CA ILE B 135 8.39 8.99 8.63
C ILE B 135 9.55 8.99 9.63
N GLN B 136 10.62 9.70 9.29
CA GLN B 136 11.81 9.66 10.13
C GLN B 136 11.55 10.07 11.58
N GLY B 137 10.75 11.10 11.78
CA GLY B 137 10.53 11.60 13.12
C GLY B 137 9.67 10.67 13.95
N ALA B 138 8.96 9.77 13.27
CA ALA B 138 8.12 8.76 13.94
C ALA B 138 8.80 7.40 14.08
N ALA B 139 9.94 7.23 13.40
CA ALA B 139 10.50 5.90 13.20
C ALA B 139 10.95 5.18 14.46
N ASP B 140 11.60 5.88 15.38
CA ASP B 140 12.03 5.23 16.62
C ASP B 140 10.81 4.75 17.40
N GLU B 141 9.76 5.57 17.41
CA GLU B 141 8.55 5.22 18.13
C GLU B 141 7.83 4.05 17.45
N ILE B 142 7.86 4.03 16.12
CA ILE B 142 7.31 2.89 15.38
C ILE B 142 8.06 1.61 15.74
N ALA B 143 9.38 1.70 15.83
CA ALA B 143 10.18 0.56 16.20
C ALA B 143 9.86 0.08 17.61
N ARG B 144 9.73 1.01 18.56
CA ARG B 144 9.35 0.63 19.93
C ARG B 144 7.98 -0.03 19.95
N MET B 145 7.07 0.44 19.09
CA MET B 145 5.75 -0.16 18.94
C MET B 145 5.88 -1.59 18.45
N GLY B 146 6.78 -1.80 17.49
CA GLY B 146 7.08 -3.14 17.04
C GLY B 146 7.50 -4.04 18.17
N VAL B 147 8.39 -3.53 19.01
CA VAL B 147 8.87 -4.33 20.14
C VAL B 147 7.72 -4.65 21.09
N ASP B 148 6.92 -3.63 21.41
CA ASP B 148 5.75 -3.84 22.27
C ASP B 148 4.78 -4.88 21.71
N LEU B 149 4.66 -4.93 20.39
CA LEU B 149 3.72 -5.83 19.73
C LEU B 149 4.29 -7.22 19.52
N GLY B 150 5.56 -7.40 19.83
CA GLY B 150 6.20 -8.69 19.63
C GLY B 150 6.67 -8.95 18.21
N VAL B 151 6.79 -7.89 17.42
CA VAL B 151 7.35 -8.00 16.08
C VAL B 151 8.83 -8.40 16.16
N LYS B 152 9.23 -9.35 15.31
CA LYS B 152 10.60 -9.84 15.32
C LYS B 152 11.35 -9.53 14.01
N ASN B 153 10.64 -8.99 13.03
CA ASN B 153 11.23 -8.76 11.71
C ASN B 153 10.99 -7.31 11.30
N TYR B 154 12.04 -6.65 10.83
CA TYR B 154 11.98 -5.21 10.58
C TYR B 154 12.67 -4.84 9.27
N VAL B 155 12.28 -3.68 8.75
CA VAL B 155 12.89 -3.13 7.54
C VAL B 155 13.31 -1.70 7.84
N GLY B 156 14.55 -1.34 7.50
CA GLY B 156 15.06 0.01 7.67
C GLY B 156 16.08 0.37 6.61
N PRO B 157 16.48 1.65 6.57
CA PRO B 157 17.07 2.24 5.36
C PRO B 157 18.59 2.13 5.24
N SER B 158 19.05 1.54 4.14
N SER B 158 19.07 1.55 4.15
CA SER B 158 20.47 1.43 3.82
CA SER B 158 20.52 1.45 3.96
C SER B 158 21.09 2.80 3.61
C SER B 158 21.11 2.82 3.66
N THR B 159 20.27 3.74 3.18
CA THR B 159 20.74 5.07 2.81
C THR B 159 21.09 5.94 4.00
N ARG B 160 20.73 5.51 5.20
CA ARG B 160 21.08 6.25 6.42
C ARG B 160 21.59 5.30 7.49
N PRO B 161 22.86 4.90 7.41
CA PRO B 161 23.37 3.87 8.31
C PRO B 161 23.25 4.25 9.78
N GLU B 162 23.27 5.54 10.11
CA GLU B 162 23.14 5.95 11.51
C GLU B 162 21.71 5.68 11.98
N ARG B 163 20.74 5.84 11.08
CA ARG B 163 19.35 5.54 11.39
C ARG B 163 19.14 4.04 11.43
N LEU B 164 19.82 3.32 10.54
CA LEU B 164 19.75 1.88 10.54
C LEU B 164 20.35 1.30 11.81
N SER B 165 21.47 1.87 12.25
CA SER B 165 22.06 1.46 13.52
C SER B 165 21.12 1.73 14.69
N ARG B 166 20.48 2.89 14.71
CA ARG B 166 19.54 3.19 15.80
C ARG B 166 18.40 2.18 15.81
N LEU B 167 17.91 1.80 14.62
CA LEU B 167 16.85 0.80 14.54
C LEU B 167 17.32 -0.54 15.13
N ARG B 168 18.52 -0.96 14.77
CA ARG B 168 19.11 -2.16 15.37
C ARG B 168 19.19 -2.03 16.90
N GLU B 169 19.57 -0.86 17.40
CA GLU B 169 19.67 -0.68 18.84
C GLU B 169 18.32 -0.92 19.51
N ILE B 170 17.29 -0.35 18.92
CA ILE B 170 15.96 -0.45 19.52
C ILE B 170 15.44 -1.88 19.53
N ILE B 171 15.57 -2.57 18.40
CA ILE B 171 14.99 -3.90 18.28
C ILE B 171 15.84 -5.02 18.88
N GLY B 172 17.12 -4.76 19.11
CA GLY B 172 18.00 -5.77 19.69
C GLY B 172 18.63 -6.72 18.67
N GLN B 173 19.61 -7.49 19.11
CA GLN B 173 20.34 -8.38 18.23
C GLN B 173 19.55 -9.60 17.78
N ASP B 174 18.52 -9.98 18.56
CA ASP B 174 17.72 -11.16 18.27
C ASP B 174 16.73 -10.95 17.11
N SER B 175 16.29 -9.71 16.93
CA SER B 175 15.37 -9.38 15.86
C SER B 175 16.06 -9.47 14.50
N PHE B 176 15.26 -9.70 13.46
CA PHE B 176 15.77 -9.81 12.09
C PHE B 176 15.52 -8.51 11.35
N LEU B 177 16.54 -7.99 10.68
CA LEU B 177 16.49 -6.68 10.04
C LEU B 177 16.97 -6.80 8.60
N ILE B 178 16.13 -6.39 7.65
CA ILE B 178 16.53 -6.35 6.23
C ILE B 178 16.50 -4.91 5.74
N SER B 179 17.28 -4.59 4.72
CA SER B 179 17.50 -3.19 4.39
C SER B 179 17.63 -2.94 2.89
N PRO B 180 16.71 -2.14 2.33
CA PRO B 180 16.74 -1.71 0.93
C PRO B 180 17.41 -0.34 0.79
N GLY B 181 17.58 0.08 -0.45
CA GLY B 181 18.27 1.32 -0.79
C GLY B 181 19.74 1.10 -1.13
N VAL B 182 20.12 -0.16 -1.36
CA VAL B 182 21.51 -0.54 -1.65
C VAL B 182 21.74 -0.46 -3.15
N GLY B 183 22.80 0.22 -3.55
CA GLY B 183 23.13 0.29 -4.96
C GLY B 183 22.53 1.55 -5.56
N ALA B 184 21.41 1.37 -6.26
CA ALA B 184 20.77 2.48 -6.97
C ALA B 184 20.54 3.72 -6.11
N GLN B 185 20.03 3.52 -4.90
CA GLN B 185 19.70 4.65 -4.02
C GLN B 185 20.90 5.12 -3.20
N GLY B 186 22.02 4.42 -3.34
CA GLY B 186 23.28 4.89 -2.79
C GLY B 186 23.84 4.17 -1.59
N GLY B 187 23.07 3.24 -1.03
CA GLY B 187 23.54 2.49 0.12
C GLY B 187 24.65 1.53 -0.24
N ASP B 188 25.57 1.33 0.70
CA ASP B 188 26.71 0.44 0.49
C ASP B 188 26.43 -0.95 1.06
N PRO B 189 26.68 -2.01 0.29
CA PRO B 189 26.37 -3.36 0.79
C PRO B 189 27.06 -3.70 2.12
N GLY B 190 28.38 -3.57 2.19
CA GLY B 190 29.12 -3.92 3.39
C GLY B 190 28.75 -3.07 4.61
N GLU B 191 28.61 -1.76 4.40
CA GLU B 191 28.26 -0.89 5.53
C GLU B 191 26.87 -1.24 6.07
N THR B 192 25.95 -1.55 5.17
CA THR B 192 24.59 -1.85 5.59
C THR B 192 24.57 -3.13 6.43
N LEU B 193 25.43 -4.08 6.09
CA LEU B 193 25.47 -5.36 6.80
C LEU B 193 26.15 -5.30 8.16
N ARG B 194 26.66 -4.12 8.51
CA ARG B 194 27.10 -3.89 9.89
C ARG B 194 25.91 -3.99 10.83
N PHE B 195 24.73 -3.60 10.34
CA PHE B 195 23.53 -3.48 11.17
C PHE B 195 22.39 -4.38 10.71
N ALA B 196 22.22 -4.53 9.40
CA ALA B 196 21.16 -5.40 8.88
C ALA B 196 21.63 -6.84 8.74
N ASP B 197 20.72 -7.78 8.94
CA ASP B 197 21.01 -9.19 8.66
C ASP B 197 21.14 -9.47 7.17
N ALA B 198 20.34 -8.79 6.37
CA ALA B 198 20.39 -9.02 4.92
C ALA B 198 20.12 -7.70 4.19
N ILE B 199 20.74 -7.57 3.02
CA ILE B 199 20.46 -6.43 2.15
C ILE B 199 19.47 -6.81 1.07
N ILE B 200 18.65 -5.82 0.69
CA ILE B 200 17.74 -5.95 -0.44
C ILE B 200 18.33 -5.19 -1.61
N VAL B 201 18.40 -5.82 -2.77
CA VAL B 201 18.98 -5.19 -3.95
C VAL B 201 18.10 -5.47 -5.15
N GLY B 202 17.64 -4.39 -5.80
CA GLY B 202 16.83 -4.50 -7.00
C GLY B 202 17.60 -4.12 -8.25
N ARG B 203 17.52 -2.84 -8.62
CA ARG B 203 18.04 -2.36 -9.90
C ARG B 203 19.51 -2.66 -10.18
N SER B 204 20.37 -2.58 -9.17
CA SER B 204 21.79 -2.86 -9.35
C SER B 204 22.01 -4.26 -9.93
N ILE B 205 21.09 -5.16 -9.64
CA ILE B 205 21.11 -6.48 -10.24
C ILE B 205 20.22 -6.55 -11.49
N TYR B 206 18.93 -6.25 -11.35
CA TYR B 206 18.01 -6.56 -12.45
C TYR B 206 18.09 -5.64 -13.68
N LEU B 207 18.69 -4.47 -13.52
CA LEU B 207 18.92 -3.58 -14.67
C LEU B 207 20.36 -3.67 -15.20
N ALA B 208 21.21 -4.46 -14.56
CA ALA B 208 22.60 -4.59 -14.99
C ALA B 208 22.66 -5.26 -16.36
N ASP B 209 23.70 -4.95 -17.13
CA ASP B 209 23.94 -5.62 -18.42
C ASP B 209 24.00 -7.12 -18.18
N ASN B 210 24.67 -7.49 -17.09
CA ASN B 210 24.87 -8.89 -16.72
C ASN B 210 24.49 -9.08 -15.26
N PRO B 211 23.22 -9.41 -15.00
CA PRO B 211 22.73 -9.55 -13.62
C PRO B 211 23.53 -10.54 -12.78
N ALA B 212 23.93 -11.66 -13.37
CA ALA B 212 24.70 -12.67 -12.64
C ALA B 212 26.02 -12.11 -12.13
N ALA B 213 26.71 -11.38 -12.99
CA ALA B 213 27.99 -10.77 -12.62
C ALA B 213 27.78 -9.66 -11.59
N ALA B 214 26.65 -8.98 -11.69
CA ALA B 214 26.31 -7.94 -10.73
C ALA B 214 26.13 -8.53 -9.34
N ALA B 215 25.34 -9.61 -9.25
CA ALA B 215 25.11 -10.30 -7.99
C ALA B 215 26.42 -10.86 -7.46
N ALA B 216 27.18 -11.50 -8.33
CA ALA B 216 28.47 -12.07 -7.95
C ALA B 216 29.39 -11.00 -7.38
N GLY B 217 29.36 -9.82 -8.01
CA GLY B 217 30.21 -8.71 -7.60
C GLY B 217 29.85 -8.19 -6.23
N ILE B 218 28.56 -8.05 -5.98
CA ILE B 218 28.10 -7.60 -4.66
C ILE B 218 28.56 -8.59 -3.59
N ILE B 219 28.36 -9.88 -3.86
CA ILE B 219 28.74 -10.91 -2.92
C ILE B 219 30.26 -10.92 -2.65
N GLU B 220 31.05 -10.76 -3.71
CA GLU B 220 32.49 -10.64 -3.58
C GLU B 220 32.88 -9.49 -2.63
N SER B 221 32.15 -8.38 -2.72
CA SER B 221 32.45 -7.20 -1.92
C SER B 221 32.13 -7.39 -0.43
N ILE B 222 31.29 -8.38 -0.13
CA ILE B 222 30.94 -8.66 1.26
C ILE B 222 31.36 -10.05 1.71
N LYS B 223 32.28 -10.69 0.97
CA LYS B 223 32.60 -12.10 1.22
C LYS B 223 33.09 -12.35 2.65
N ASP B 224 33.72 -11.35 3.25
CA ASP B 224 34.24 -11.47 4.61
C ASP B 224 33.12 -11.37 5.66
N LEU B 225 31.91 -11.04 5.21
CA LEU B 225 30.77 -10.88 6.11
C LEU B 225 29.81 -12.07 6.03
N LEU B 226 30.17 -13.06 5.23
CA LEU B 226 29.34 -14.23 5.02
C LEU B 226 29.86 -15.44 5.80
N1 UP6 C . -10.52 3.24 3.93
C2 UP6 C . -10.95 3.45 5.18
N3 UP6 C . -10.44 4.43 5.96
C4 UP6 C . -9.46 5.20 5.41
C5 UP6 C . -9.03 4.99 4.11
N6 UP6 C . -9.57 4.02 3.40
O2 UP6 C . -11.93 2.72 5.73
O4 UP6 C . -8.92 6.19 6.18
C1' UP6 C . -11.11 2.22 3.06
C2' UP6 C . -11.11 0.79 3.61
C3' UP6 C . -12.36 0.20 2.96
C4' UP6 C . -13.31 1.40 2.94
O2' UP6 C . -9.93 0.09 3.26
O3' UP6 C . -12.06 -0.20 1.63
O4' UP6 C . -12.47 2.58 2.86
C5' UP6 C . -14.23 1.51 4.12
O5' UP6 C . -15.18 0.44 4.05
P UP6 C . -16.27 0.20 5.17
O1P UP6 C . -15.72 0.61 6.50
O2P UP6 C . -16.61 -1.26 4.96
O3P UP6 C . -17.47 1.05 4.86
CL CL D . 10.48 15.07 -0.63
CL CL E . 13.08 6.36 -6.09
C1 EDO F . -2.79 23.99 7.93
O1 EDO F . -2.07 23.12 7.06
C2 EDO F . -2.83 23.50 9.37
O2 EDO F . -1.93 24.26 10.16
N1 UP6 G . 11.91 -0.32 -0.76
C2 UP6 G . 12.80 0.66 -0.78
N3 UP6 G . 12.97 1.52 0.26
C4 UP6 G . 12.18 1.31 1.36
C5 UP6 G . 11.26 0.26 1.38
N6 UP6 G . 11.15 -0.53 0.33
O2 UP6 G . 13.60 0.90 -1.82
O4 UP6 G . 12.30 2.12 2.44
C1' UP6 G . 11.74 -1.27 -1.87
C2' UP6 G . 11.46 -0.65 -3.24
C3' UP6 G . 12.15 -1.63 -4.19
C4' UP6 G . 13.34 -2.10 -3.39
O2' UP6 G . 10.07 -0.54 -3.47
O3' UP6 G . 11.28 -2.74 -4.42
O4' UP6 G . 12.96 -2.00 -1.99
C5' UP6 G . 14.62 -1.35 -3.64
O5' UP6 G . 15.06 -1.66 -4.95
P UP6 G . 16.29 -0.94 -5.64
O1P UP6 G . 16.40 0.48 -5.19
O2P UP6 G . 16.06 -1.14 -7.12
O3P UP6 G . 17.56 -1.68 -5.22
CL CL H . -3.93 1.43 17.79
CL CL I . -11.05 -1.99 10.83
C1 GOL J . 26.03 7.39 1.41
O1 GOL J . 25.94 8.69 1.93
C2 GOL J . 24.97 6.53 2.07
O2 GOL J . 23.73 6.85 1.47
C3 GOL J . 24.91 6.89 3.55
O3 GOL J . 26.17 6.70 4.16
C1 GOL K . -4.54 -3.93 18.25
O1 GOL K . -5.94 -3.87 18.29
C2 GOL K . -3.91 -3.13 19.39
O2 GOL K . -3.98 -1.75 19.09
C3 GOL K . -2.45 -3.54 19.57
O3 GOL K . -2.35 -4.94 19.72
MG MG L . -2.50 -22.18 14.07
MG MG M . 33.68 -5.36 1.57
#